data_9G3T
#
_entry.id   9G3T
#
_cell.length_a   125.622
_cell.length_b   125.622
_cell.length_c   63.483
_cell.angle_alpha   90.00
_cell.angle_beta   90.00
_cell.angle_gamma   90.00
#
_symmetry.space_group_name_H-M   'P 41 21 2'
#
loop_
_entity.id
_entity.type
_entity.pdbx_description
1 polymer 'ATLF-like domain-containing protein'
2 non-polymer 'ZINC ION'
3 non-polymer BICINE
4 non-polymer 'TETRAETHYLENE GLYCOL'
5 non-polymer DI(HYDROXYETHYL)ETHER
6 water water
#
_entity_poly.entity_id   1
_entity_poly.type   'polypeptide(L)'
_entity_poly.pdbx_seq_one_letter_code
;MGSSHHHHHHSSGLVPRGSHMAHGVLLEESGLDVQTIPSHDVLGRIVIVPETDFSFDEANETIRTLARIDRRILEQAANH
HIYIQLLTNPITDEPIARHLRGKTPRGYVPGSKTWDEVPGIGGAHLVLVRLGHSEKGKGHGSINLELHAFAHSLDYIVFD
HIHETDEFQALWREEAPQLFPREYFFLTYPEEYFAESFAYYYVSEKTQETLRMAAPRTYTFIRQLAERAS
;
_entity_poly.pdbx_strand_id   A,B
#
loop_
_chem_comp.id
_chem_comp.type
_chem_comp.name
_chem_comp.formula
BCN non-polymer BICINE 'C6 H13 N O4'
PEG non-polymer DI(HYDROXYETHYL)ETHER 'C4 H10 O3'
PG4 non-polymer 'TETRAETHYLENE GLYCOL' 'C8 H18 O5'
ZN non-polymer 'ZINC ION' 'Zn 2'
#
# COMPACT_ATOMS: atom_id res chain seq x y z
N PRO A 16 -27.05 18.42 4.56
CA PRO A 16 -27.97 17.30 4.85
C PRO A 16 -27.43 15.96 4.36
N ARG A 17 -26.92 15.14 5.27
CA ARG A 17 -26.31 13.86 4.92
C ARG A 17 -27.27 12.73 5.29
N GLY A 18 -27.58 11.88 4.33
CA GLY A 18 -28.50 10.78 4.59
C GLY A 18 -27.79 9.58 5.20
N SER A 19 -28.53 8.82 6.02
CA SER A 19 -27.92 7.65 6.64
C SER A 19 -27.60 6.56 5.62
N HIS A 20 -28.22 6.59 4.44
CA HIS A 20 -27.82 5.64 3.41
C HIS A 20 -26.43 5.90 2.89
N MET A 21 -25.83 7.04 3.21
CA MET A 21 -24.43 7.30 2.84
C MET A 21 -23.48 7.37 4.02
N ALA A 22 -23.98 7.28 5.25
CA ALA A 22 -23.12 7.51 6.41
C ALA A 22 -22.04 6.46 6.58
N HIS A 23 -22.29 5.21 6.17
CA HIS A 23 -21.35 4.12 6.38
C HIS A 23 -20.77 3.60 5.06
N GLY A 24 -20.74 4.47 4.07
CA GLY A 24 -20.42 4.13 2.70
C GLY A 24 -21.63 4.32 1.80
N VAL A 25 -21.39 4.41 0.50
N VAL A 25 -21.36 4.32 0.50
CA VAL A 25 -22.52 4.59 -0.40
CA VAL A 25 -22.36 4.63 -0.53
C VAL A 25 -22.40 3.57 -1.53
C VAL A 25 -22.35 3.50 -1.54
N LEU A 26 -23.48 2.86 -1.76
CA LEU A 26 -23.54 1.93 -2.87
CA LEU A 26 -23.54 1.93 -2.87
C LEU A 26 -23.24 2.65 -4.18
N LEU A 27 -22.48 2.00 -5.04
CA LEU A 27 -21.98 2.65 -6.24
C LEU A 27 -23.13 3.24 -7.07
N GLU A 28 -24.24 2.52 -7.19
CA GLU A 28 -25.35 3.01 -8.02
C GLU A 28 -26.02 4.23 -7.41
N GLU A 29 -25.78 4.51 -6.14
CA GLU A 29 -26.36 5.66 -5.45
C GLU A 29 -25.35 6.77 -5.27
N SER A 30 -24.13 6.60 -5.79
CA SER A 30 -23.02 7.48 -5.44
C SER A 30 -22.91 8.68 -6.35
N GLY A 31 -23.58 8.67 -7.50
CA GLY A 31 -23.37 9.71 -8.48
C GLY A 31 -22.09 9.58 -9.28
N LEU A 32 -21.20 8.65 -8.94
CA LEU A 32 -20.03 8.37 -9.75
C LEU A 32 -20.48 7.90 -11.12
N ASP A 33 -19.87 8.43 -12.19
CA ASP A 33 -20.31 8.07 -13.53
C ASP A 33 -19.57 6.82 -13.97
N VAL A 34 -20.32 5.77 -14.25
CA VAL A 34 -19.75 4.47 -14.60
C VAL A 34 -20.45 3.94 -15.84
N GLN A 35 -21.07 4.84 -16.61
CA GLN A 35 -21.94 4.40 -17.71
C GLN A 35 -21.18 3.66 -18.80
N THR A 36 -19.89 3.92 -18.97
CA THR A 36 -19.10 3.22 -19.97
C THR A 36 -18.40 1.99 -19.42
N ILE A 37 -18.67 1.60 -18.18
CA ILE A 37 -18.04 0.41 -17.62
C ILE A 37 -18.91 -0.80 -17.89
N PRO A 38 -18.37 -1.88 -18.47
CA PRO A 38 -19.17 -3.08 -18.70
C PRO A 38 -19.78 -3.59 -17.41
N SER A 39 -21.01 -4.02 -17.48
CA SER A 39 -21.74 -4.61 -16.35
C SER A 39 -21.92 -3.63 -15.20
N HIS A 40 -21.92 -2.34 -15.48
CA HIS A 40 -22.03 -1.38 -14.39
C HIS A 40 -23.38 -1.47 -13.67
N ASP A 41 -24.42 -1.98 -14.33
CA ASP A 41 -25.69 -2.17 -13.67
C ASP A 41 -25.59 -3.19 -12.54
N VAL A 42 -24.75 -4.24 -12.71
CA VAL A 42 -24.56 -5.22 -11.65
C VAL A 42 -23.53 -4.74 -10.63
N LEU A 43 -22.41 -4.18 -11.11
CA LEU A 43 -21.40 -3.67 -10.19
C LEU A 43 -21.95 -2.54 -9.31
N GLY A 44 -22.92 -1.78 -9.82
CA GLY A 44 -23.55 -0.74 -9.05
C GLY A 44 -24.22 -1.24 -7.79
N ARG A 45 -24.59 -2.52 -7.75
CA ARG A 45 -25.21 -3.14 -6.59
C ARG A 45 -24.24 -3.97 -5.73
N ILE A 46 -22.98 -4.07 -6.14
CA ILE A 46 -21.97 -4.82 -5.42
C ILE A 46 -20.97 -3.88 -4.73
N VAL A 47 -20.50 -2.89 -5.44
CA VAL A 47 -19.41 -2.03 -4.98
C VAL A 47 -19.99 -0.95 -4.07
N ILE A 48 -19.30 -0.72 -2.96
CA ILE A 48 -19.59 0.36 -2.02
C ILE A 48 -18.39 1.30 -2.07
N VAL A 49 -18.63 2.58 -2.32
CA VAL A 49 -17.52 3.53 -2.39
C VAL A 49 -17.53 4.38 -1.13
N PRO A 50 -16.43 5.08 -0.84
CA PRO A 50 -16.38 5.88 0.38
C PRO A 50 -17.37 7.02 0.36
N GLU A 51 -17.80 7.41 1.55
CA GLU A 51 -18.66 8.57 1.72
C GLU A 51 -17.87 9.84 1.97
N THR A 52 -16.57 9.71 2.18
CA THR A 52 -15.63 10.82 2.28
C THR A 52 -14.84 10.93 0.96
N ASP A 53 -13.94 11.91 0.89
CA ASP A 53 -13.17 12.13 -0.33
C ASP A 53 -12.36 10.90 -0.69
N PHE A 54 -12.34 10.56 -1.98
CA PHE A 54 -11.51 9.46 -2.45
C PHE A 54 -11.09 9.77 -3.89
N SER A 55 -10.11 8.99 -4.36
CA SER A 55 -9.59 9.17 -5.71
C SER A 55 -10.52 8.52 -6.72
N PHE A 56 -11.10 9.35 -7.60
CA PHE A 56 -11.93 8.79 -8.65
C PHE A 56 -11.11 7.89 -9.57
N ASP A 57 -9.85 8.24 -9.83
CA ASP A 57 -9.02 7.40 -10.68
C ASP A 57 -8.83 6.01 -10.08
N GLU A 58 -8.50 5.92 -8.78
CA GLU A 58 -8.28 4.63 -8.17
C GLU A 58 -9.55 3.81 -8.13
N ALA A 59 -10.70 4.43 -7.80
CA ALA A 59 -11.94 3.69 -7.77
C ALA A 59 -12.31 3.23 -9.18
N ASN A 60 -12.11 4.09 -10.17
CA ASN A 60 -12.46 3.76 -11.54
C ASN A 60 -11.64 2.59 -12.03
N GLU A 61 -10.34 2.59 -11.76
CA GLU A 61 -9.51 1.47 -12.18
C GLU A 61 -9.92 0.18 -11.49
N THR A 62 -10.25 0.24 -10.21
CA THR A 62 -10.66 -0.96 -9.49
C THR A 62 -11.95 -1.52 -10.07
N ILE A 63 -12.93 -0.65 -10.29
CA ILE A 63 -14.23 -1.07 -10.80
C ILE A 63 -14.10 -1.61 -12.21
N ARG A 64 -13.30 -0.96 -13.06
CA ARG A 64 -13.05 -1.47 -14.41
C ARG A 64 -12.36 -2.83 -14.41
N THR A 65 -11.48 -3.09 -13.43
CA THR A 65 -10.88 -4.43 -13.32
C THR A 65 -11.94 -5.46 -12.94
N LEU A 66 -12.80 -5.12 -12.00
CA LEU A 66 -13.88 -6.03 -11.63
C LEU A 66 -14.83 -6.29 -12.79
N ALA A 67 -14.99 -5.30 -13.67
CA ALA A 67 -15.85 -5.41 -14.83
C ALA A 67 -15.29 -6.34 -15.91
N ARG A 68 -14.06 -6.82 -15.76
CA ARG A 68 -13.53 -7.84 -16.66
C ARG A 68 -14.11 -9.21 -16.36
N ILE A 69 -14.68 -9.39 -15.17
CA ILE A 69 -15.23 -10.69 -14.78
C ILE A 69 -16.48 -11.01 -15.59
N ASP A 70 -16.61 -12.28 -15.98
CA ASP A 70 -17.84 -12.80 -16.61
C ASP A 70 -19.06 -12.21 -15.93
N ARG A 71 -19.95 -11.60 -16.72
CA ARG A 71 -21.13 -10.97 -16.16
C ARG A 71 -21.92 -11.95 -15.30
N ARG A 72 -21.99 -13.22 -15.71
CA ARG A 72 -22.77 -14.17 -14.92
C ARG A 72 -22.23 -14.31 -13.50
N ILE A 73 -20.92 -14.32 -13.36
CA ILE A 73 -20.34 -14.42 -12.03
C ILE A 73 -20.66 -13.18 -11.21
N LEU A 74 -20.63 -12.00 -11.83
CA LEU A 74 -21.05 -10.80 -11.11
C LEU A 74 -22.51 -10.90 -10.70
N GLU A 75 -23.37 -11.42 -11.57
CA GLU A 75 -24.78 -11.60 -11.19
C GLU A 75 -24.92 -12.58 -10.04
N GLN A 76 -24.14 -13.66 -10.05
CA GLN A 76 -24.15 -14.61 -8.95
C GLN A 76 -23.74 -13.92 -7.65
N ALA A 77 -22.72 -13.09 -7.70
CA ALA A 77 -22.28 -12.39 -6.51
C ALA A 77 -23.35 -11.45 -6.00
N ALA A 78 -24.00 -10.71 -6.92
CA ALA A 78 -25.05 -9.79 -6.49
C ALA A 78 -26.24 -10.55 -5.90
N ASN A 79 -26.62 -11.68 -6.50
CA ASN A 79 -27.78 -12.41 -6.00
C ASN A 79 -27.49 -13.09 -4.67
N HIS A 80 -26.22 -13.34 -4.36
CA HIS A 80 -25.78 -13.81 -3.06
C HIS A 80 -25.56 -12.67 -2.08
N HIS A 81 -25.68 -11.42 -2.53
CA HIS A 81 -25.51 -10.22 -1.69
C HIS A 81 -24.10 -10.14 -1.12
N ILE A 82 -23.12 -10.40 -1.99
CA ILE A 82 -21.73 -10.06 -1.72
C ILE A 82 -21.50 -8.61 -2.10
N TYR A 83 -20.76 -7.90 -1.26
CA TYR A 83 -20.42 -6.51 -1.47
C TYR A 83 -18.91 -6.35 -1.41
N ILE A 84 -18.41 -5.40 -2.20
CA ILE A 84 -16.99 -5.04 -2.20
C ILE A 84 -16.90 -3.58 -1.78
N GLN A 85 -16.41 -3.32 -0.58
CA GLN A 85 -16.33 -1.96 -0.06
C GLN A 85 -14.92 -1.43 -0.25
N LEU A 86 -14.82 -0.35 -1.01
CA LEU A 86 -13.58 0.33 -1.25
C LEU A 86 -13.35 1.35 -0.15
N LEU A 87 -12.17 1.33 0.43
CA LEU A 87 -11.83 2.15 1.59
C LEU A 87 -10.72 3.13 1.25
N THR A 88 -10.74 4.30 1.90
CA THR A 88 -9.61 5.20 1.88
C THR A 88 -8.70 5.01 3.08
N ASN A 89 -9.22 4.52 4.17
N ASN A 89 -9.26 4.43 4.12
CA ASN A 89 -8.46 4.37 5.40
CA ASN A 89 -8.72 4.23 5.46
C ASN A 89 -8.29 2.87 5.70
C ASN A 89 -8.19 2.82 5.60
N PRO A 90 -7.43 2.51 6.65
CA PRO A 90 -7.06 1.09 6.83
C PRO A 90 -8.25 0.25 7.24
N ILE A 91 -8.16 -1.04 6.91
CA ILE A 91 -9.21 -1.97 7.29
C ILE A 91 -9.39 -1.97 8.80
N THR A 92 -8.31 -1.78 9.55
CA THR A 92 -8.40 -1.82 11.01
C THR A 92 -9.07 -0.60 11.61
N ASP A 93 -9.47 0.38 10.80
CA ASP A 93 -10.33 1.44 11.30
C ASP A 93 -11.81 1.10 11.18
N GLU A 94 -12.18 0.04 10.46
CA GLU A 94 -13.56 -0.39 10.41
C GLU A 94 -13.89 -1.09 11.73
N PRO A 95 -15.04 -0.79 12.34
CA PRO A 95 -15.35 -1.41 13.64
C PRO A 95 -15.27 -2.93 13.64
N ILE A 96 -15.74 -3.59 12.58
CA ILE A 96 -15.77 -5.04 12.54
C ILE A 96 -14.39 -5.66 12.35
N ALA A 97 -13.37 -4.84 12.14
CA ALA A 97 -11.98 -5.30 12.03
C ALA A 97 -11.09 -4.66 13.08
N ARG A 98 -11.69 -4.00 14.07
CA ARG A 98 -10.89 -3.20 14.98
C ARG A 98 -10.04 -4.06 15.91
N HIS A 99 -10.45 -5.29 16.14
CA HIS A 99 -9.67 -6.22 16.95
C HIS A 99 -8.35 -6.57 16.29
N LEU A 100 -8.19 -6.32 14.99
CA LEU A 100 -6.95 -6.65 14.30
C LEU A 100 -5.85 -5.61 14.48
N ARG A 101 -6.15 -4.44 15.03
CA ARG A 101 -5.15 -3.39 15.10
C ARG A 101 -3.92 -3.86 15.88
N GLY A 102 -2.75 -3.66 15.28
CA GLY A 102 -1.47 -4.00 15.88
C GLY A 102 -1.13 -5.47 15.87
N LYS A 103 -1.97 -6.33 15.34
CA LYS A 103 -1.74 -7.77 15.40
C LYS A 103 -1.04 -8.30 14.16
N THR A 104 -0.30 -9.35 14.34
CA THR A 104 0.35 -10.02 13.21
C THR A 104 -0.65 -10.86 12.43
N PRO A 105 -0.68 -10.78 11.11
CA PRO A 105 -1.53 -11.69 10.34
C PRO A 105 -0.93 -13.08 10.29
N ARG A 106 -1.78 -14.10 10.43
CA ARG A 106 -1.34 -15.49 10.32
C ARG A 106 -0.49 -15.71 9.07
N GLY A 107 0.61 -16.42 9.24
CA GLY A 107 1.47 -16.81 8.14
C GLY A 107 2.65 -15.89 7.98
N TYR A 108 2.65 -14.76 8.69
CA TYR A 108 3.78 -13.84 8.74
C TYR A 108 4.54 -13.98 10.05
N VAL A 109 5.83 -13.73 9.97
CA VAL A 109 6.66 -13.70 11.18
C VAL A 109 6.29 -12.48 12.01
N PRO A 110 6.01 -12.63 13.30
CA PRO A 110 5.69 -11.46 14.11
C PRO A 110 6.81 -10.43 14.05
N GLY A 111 6.39 -9.16 13.99
CA GLY A 111 7.29 -8.06 13.77
C GLY A 111 7.49 -7.67 12.32
N SER A 112 7.17 -8.55 11.39
CA SER A 112 7.39 -8.29 9.98
C SER A 112 6.16 -7.70 9.30
N LYS A 113 5.01 -7.70 9.96
CA LYS A 113 3.75 -7.33 9.33
C LYS A 113 2.70 -7.15 10.41
N THR A 114 1.83 -6.15 10.27
CA THR A 114 0.62 -6.05 11.10
C THR A 114 -0.60 -5.92 10.19
N TRP A 115 -1.77 -6.23 10.78
CA TRP A 115 -3.01 -6.08 10.02
C TRP A 115 -3.25 -4.64 9.57
N ASP A 116 -2.70 -3.67 10.29
CA ASP A 116 -2.78 -2.28 9.87
C ASP A 116 -2.25 -2.09 8.45
N GLU A 117 -1.36 -2.97 8.02
CA GLU A 117 -0.69 -2.86 6.74
C GLU A 117 -1.29 -3.79 5.68
N VAL A 118 -2.33 -4.53 6.02
CA VAL A 118 -2.97 -5.45 5.09
C VAL A 118 -4.08 -4.70 4.36
N PRO A 119 -4.01 -4.57 3.03
CA PRO A 119 -4.94 -3.69 2.32
C PRO A 119 -6.23 -4.31 1.86
N GLY A 120 -6.41 -5.61 2.01
CA GLY A 120 -7.64 -6.24 1.54
C GLY A 120 -7.94 -7.47 2.35
N ILE A 121 -9.22 -7.78 2.46
CA ILE A 121 -9.66 -9.01 3.09
CA ILE A 121 -9.65 -9.02 3.06
C ILE A 121 -10.87 -9.53 2.30
N GLY A 122 -10.78 -10.76 1.79
CA GLY A 122 -11.88 -11.42 1.16
C GLY A 122 -12.30 -12.69 1.88
N GLY A 123 -13.43 -13.25 1.44
CA GLY A 123 -13.96 -14.50 1.94
C GLY A 123 -15.38 -14.40 2.44
N ALA A 124 -15.74 -13.27 3.02
CA ALA A 124 -17.04 -13.05 3.62
C ALA A 124 -17.97 -12.34 2.63
N HIS A 125 -19.22 -12.12 3.06
CA HIS A 125 -20.13 -11.39 2.17
C HIS A 125 -19.75 -9.93 2.01
N LEU A 126 -18.87 -9.41 2.88
CA LEU A 126 -18.29 -8.09 2.74
C LEU A 126 -16.80 -8.24 2.49
N VAL A 127 -16.36 -7.83 1.31
CA VAL A 127 -14.95 -7.79 0.90
C VAL A 127 -14.49 -6.36 1.16
N LEU A 128 -13.34 -6.20 1.79
CA LEU A 128 -12.78 -4.87 2.04
C LEU A 128 -11.53 -4.71 1.21
N VAL A 129 -11.45 -3.60 0.46
CA VAL A 129 -10.30 -3.32 -0.38
C VAL A 129 -9.93 -1.86 -0.17
N ARG A 130 -8.70 -1.60 0.29
CA ARG A 130 -8.25 -0.24 0.40
C ARG A 130 -7.72 0.24 -0.93
N LEU A 131 -8.24 1.37 -1.36
CA LEU A 131 -7.81 1.97 -2.62
C LEU A 131 -6.31 2.31 -2.61
N GLY A 132 -5.68 2.19 -3.76
CA GLY A 132 -4.28 2.55 -3.93
C GLY A 132 -3.29 1.41 -3.72
N HIS A 133 -3.78 0.16 -3.67
CA HIS A 133 -2.95 -0.99 -3.30
C HIS A 133 -3.14 -2.15 -4.26
N SER A 134 -3.59 -1.91 -5.50
CA SER A 134 -4.01 -3.03 -6.32
C SER A 134 -2.85 -3.93 -6.74
N GLU A 135 -1.72 -3.34 -7.12
CA GLU A 135 -0.62 -4.04 -7.76
C GLU A 135 0.20 -4.84 -6.76
N LYS A 136 0.85 -5.88 -7.28
CA LYS A 136 1.66 -6.78 -6.47
C LYS A 136 2.69 -6.02 -5.65
N GLY A 137 2.84 -6.43 -4.40
CA GLY A 137 3.83 -5.87 -3.50
C GLY A 137 3.32 -4.74 -2.64
N LYS A 138 2.11 -4.23 -2.91
CA LYS A 138 1.56 -3.10 -2.14
C LYS A 138 0.84 -3.59 -0.90
N GLY A 139 1.60 -4.22 -0.01
CA GLY A 139 1.00 -4.78 1.17
C GLY A 139 0.48 -6.20 1.02
N HIS A 140 0.65 -6.79 -0.15
CA HIS A 140 0.16 -8.12 -0.45
C HIS A 140 0.98 -8.64 -1.63
N GLY A 141 0.83 -9.95 -1.91
CA GLY A 141 1.59 -10.60 -2.95
C GLY A 141 0.83 -10.98 -4.20
N SER A 142 -0.40 -10.52 -4.39
CA SER A 142 -1.21 -10.89 -5.54
C SER A 142 -0.92 -9.98 -6.74
N ILE A 143 -1.13 -10.53 -7.93
CA ILE A 143 -1.11 -9.74 -9.14
C ILE A 143 -2.18 -8.66 -9.13
N ASN A 144 -3.27 -8.84 -8.38
CA ASN A 144 -4.35 -7.86 -8.36
C ASN A 144 -5.19 -8.05 -7.10
N LEU A 145 -5.10 -7.08 -6.19
CA LEU A 145 -5.72 -7.23 -4.88
C LEU A 145 -7.22 -7.44 -4.99
N GLU A 146 -7.92 -6.63 -5.81
CA GLU A 146 -9.38 -6.67 -5.76
C GLU A 146 -9.92 -7.97 -6.36
N LEU A 147 -9.30 -8.48 -7.43
CA LEU A 147 -9.75 -9.74 -8.00
C LEU A 147 -9.47 -10.90 -7.06
N HIS A 148 -8.29 -10.88 -6.44
CA HIS A 148 -7.92 -11.95 -5.53
C HIS A 148 -8.84 -12.01 -4.32
N ALA A 149 -9.07 -10.85 -3.68
CA ALA A 149 -9.91 -10.83 -2.49
C ALA A 149 -11.35 -11.19 -2.83
N PHE A 150 -11.86 -10.67 -3.94
CA PHE A 150 -13.22 -11.02 -4.34
C PHE A 150 -13.34 -12.51 -4.64
N ALA A 151 -12.30 -13.08 -5.25
CA ALA A 151 -12.32 -14.50 -5.56
C ALA A 151 -12.48 -15.35 -4.32
N HIS A 152 -11.88 -14.97 -3.18
CA HIS A 152 -12.12 -15.74 -1.96
C HIS A 152 -13.60 -15.80 -1.61
N SER A 153 -14.27 -14.65 -1.69
CA SER A 153 -15.68 -14.64 -1.37
C SER A 153 -16.48 -15.45 -2.37
N LEU A 154 -16.14 -15.36 -3.65
CA LEU A 154 -16.79 -16.21 -4.65
C LEU A 154 -16.61 -17.69 -4.30
N ASP A 155 -15.38 -18.08 -4.02
CA ASP A 155 -15.06 -19.46 -3.66
C ASP A 155 -15.93 -19.97 -2.52
N TYR A 156 -15.95 -19.24 -1.42
CA TYR A 156 -16.61 -19.75 -0.22
C TYR A 156 -18.14 -19.64 -0.30
N ILE A 157 -18.67 -18.59 -0.92
CA ILE A 157 -20.09 -18.29 -0.88
C ILE A 157 -20.80 -18.76 -2.13
N VAL A 158 -20.34 -18.36 -3.30
CA VAL A 158 -21.06 -18.70 -4.53
C VAL A 158 -20.80 -20.15 -4.92
N PHE A 159 -19.56 -20.59 -4.77
CA PHE A 159 -19.11 -21.87 -5.25
C PHE A 159 -18.95 -22.89 -4.13
N ASP A 160 -19.42 -22.57 -2.92
CA ASP A 160 -19.49 -23.54 -1.83
C ASP A 160 -18.16 -24.23 -1.56
N HIS A 161 -17.10 -23.41 -1.38
CA HIS A 161 -15.76 -23.90 -1.05
C HIS A 161 -15.24 -24.83 -2.14
N ILE A 162 -15.32 -24.34 -3.39
CA ILE A 162 -14.95 -25.17 -4.52
C ILE A 162 -13.47 -25.57 -4.48
N HIS A 163 -12.63 -24.83 -3.74
CA HIS A 163 -11.21 -25.22 -3.66
C HIS A 163 -11.03 -26.55 -2.92
N GLU A 164 -12.05 -27.00 -2.19
CA GLU A 164 -12.02 -28.29 -1.51
C GLU A 164 -12.49 -29.44 -2.40
N THR A 165 -13.02 -29.20 -3.59
CA THR A 165 -13.55 -30.32 -4.36
C THR A 165 -12.42 -31.20 -4.89
N ASP A 166 -12.76 -32.46 -5.17
CA ASP A 166 -11.76 -33.39 -5.69
C ASP A 166 -11.15 -32.87 -6.97
N GLU A 167 -11.97 -32.34 -7.86
CA GLU A 167 -11.47 -31.86 -9.14
C GLU A 167 -10.50 -30.71 -8.95
N PHE A 168 -10.87 -29.72 -8.13
CA PHE A 168 -9.96 -28.60 -7.97
C PHE A 168 -8.70 -29.05 -7.24
N GLN A 169 -8.84 -29.91 -6.25
CA GLN A 169 -7.67 -30.36 -5.52
C GLN A 169 -6.67 -31.03 -6.45
N ALA A 170 -7.16 -31.77 -7.45
CA ALA A 170 -6.25 -32.42 -8.40
C ALA A 170 -5.55 -31.42 -9.30
N LEU A 171 -6.27 -30.37 -9.74
CA LEU A 171 -5.67 -29.28 -10.50
C LEU A 171 -4.58 -28.58 -9.71
N TRP A 172 -4.84 -28.32 -8.44
CA TRP A 172 -3.85 -27.69 -7.59
C TRP A 172 -2.60 -28.56 -7.50
N ARG A 173 -2.76 -29.84 -7.19
CA ARG A 173 -1.59 -30.72 -7.09
C ARG A 173 -0.80 -30.76 -8.39
N GLU A 174 -1.47 -30.87 -9.53
CA GLU A 174 -0.75 -31.09 -10.78
C GLU A 174 -0.15 -29.81 -11.33
N GLU A 175 -0.78 -28.65 -11.16
CA GLU A 175 -0.36 -27.45 -11.88
C GLU A 175 0.19 -26.32 -11.02
N ALA A 176 -0.15 -26.25 -9.75
CA ALA A 176 0.41 -25.17 -8.94
C ALA A 176 1.93 -25.19 -8.94
N PRO A 177 2.60 -26.34 -8.88
CA PRO A 177 4.08 -26.33 -8.93
C PRO A 177 4.61 -25.76 -10.23
N GLN A 178 3.83 -25.78 -11.31
CA GLN A 178 4.25 -25.22 -12.59
C GLN A 178 4.03 -23.71 -12.63
N LEU A 179 2.95 -23.24 -12.02
CA LEU A 179 2.58 -21.82 -12.11
C LEU A 179 3.21 -20.97 -11.01
N PHE A 180 3.32 -21.50 -9.78
CA PHE A 180 3.74 -20.71 -8.61
C PHE A 180 4.89 -21.38 -7.87
N PRO A 181 5.92 -21.81 -8.58
CA PRO A 181 7.02 -22.52 -7.89
C PRO A 181 7.72 -21.67 -6.83
N ARG A 182 7.68 -20.35 -6.96
CA ARG A 182 8.44 -19.46 -6.08
C ARG A 182 7.53 -18.60 -5.21
N GLU A 183 6.25 -18.95 -5.06
CA GLU A 183 5.30 -18.12 -4.33
C GLU A 183 4.57 -19.03 -3.36
N TYR A 184 5.09 -19.08 -2.14
CA TYR A 184 4.70 -20.08 -1.16
C TYR A 184 3.18 -20.14 -0.92
N PHE A 185 2.53 -19.00 -0.66
CA PHE A 185 1.11 -19.05 -0.31
C PHE A 185 0.27 -19.57 -1.48
N PHE A 186 0.61 -19.18 -2.71
CA PHE A 186 -0.19 -19.59 -3.86
C PHE A 186 0.08 -21.04 -4.23
N LEU A 187 1.29 -21.51 -3.92
CA LEU A 187 1.66 -22.88 -4.20
C LEU A 187 1.03 -23.87 -3.22
N THR A 188 0.91 -23.50 -1.94
CA THR A 188 0.63 -24.48 -0.90
C THR A 188 -0.72 -24.33 -0.23
N TYR A 189 -1.50 -23.30 -0.58
CA TYR A 189 -2.84 -23.16 0.00
C TYR A 189 -3.84 -23.24 -1.14
N PRO A 190 -4.74 -24.22 -1.16
CA PRO A 190 -5.66 -24.35 -2.31
C PRO A 190 -6.56 -23.17 -2.50
N GLU A 191 -6.97 -22.51 -1.41
CA GLU A 191 -7.81 -21.34 -1.55
C GLU A 191 -7.04 -20.18 -2.16
N GLU A 192 -5.74 -20.09 -1.88
CA GLU A 192 -4.92 -19.05 -2.49
CA GLU A 192 -4.94 -19.04 -2.49
C GLU A 192 -4.64 -19.37 -3.95
N TYR A 193 -4.44 -20.66 -4.25
CA TYR A 193 -4.25 -21.05 -5.64
C TYR A 193 -5.49 -20.70 -6.46
N PHE A 194 -6.68 -20.95 -5.91
CA PHE A 194 -7.92 -20.59 -6.59
C PHE A 194 -7.98 -19.08 -6.81
N ALA A 195 -7.79 -18.30 -5.75
CA ALA A 195 -7.99 -16.86 -5.86
C ALA A 195 -6.97 -16.22 -6.79
N GLU A 196 -5.71 -16.68 -6.75
CA GLU A 196 -4.70 -16.07 -7.60
C GLU A 196 -4.84 -16.54 -9.04
N SER A 197 -5.28 -17.78 -9.26
CA SER A 197 -5.56 -18.22 -10.61
C SER A 197 -6.69 -17.41 -11.22
N PHE A 198 -7.73 -17.15 -10.43
CA PHE A 198 -8.83 -16.28 -10.86
C PHE A 198 -8.30 -14.91 -11.25
N ALA A 199 -7.44 -14.32 -10.41
CA ALA A 199 -6.87 -13.01 -10.73
C ALA A 199 -6.05 -13.05 -12.01
N TYR A 200 -5.21 -14.08 -12.21
CA TYR A 200 -4.47 -14.20 -13.47
C TYR A 200 -5.41 -14.28 -14.66
N TYR A 201 -6.50 -15.03 -14.53
CA TYR A 201 -7.42 -15.16 -15.65
C TYR A 201 -8.00 -13.80 -16.04
N TYR A 202 -8.33 -12.97 -15.05
CA TYR A 202 -9.11 -11.78 -15.32
C TYR A 202 -8.33 -10.47 -15.36
N VAL A 203 -7.09 -10.40 -14.87
CA VAL A 203 -6.50 -9.06 -14.79
C VAL A 203 -6.07 -8.55 -16.17
N SER A 204 -5.59 -9.44 -17.06
CA SER A 204 -5.16 -9.01 -18.39
C SER A 204 -5.04 -10.21 -19.32
N GLU A 205 -5.00 -9.91 -20.62
CA GLU A 205 -4.75 -10.94 -21.62
C GLU A 205 -3.40 -11.61 -21.40
N LYS A 206 -2.38 -10.85 -21.03
CA LYS A 206 -1.06 -11.43 -20.82
C LYS A 206 -1.07 -12.40 -19.64
N THR A 207 -1.66 -12.01 -18.50
CA THR A 207 -1.68 -12.94 -17.37
C THR A 207 -2.56 -14.15 -17.66
N GLN A 208 -3.65 -13.95 -18.40
CA GLN A 208 -4.50 -15.08 -18.76
C GLN A 208 -3.74 -16.09 -19.63
N GLU A 209 -2.95 -15.60 -20.58
CA GLU A 209 -2.18 -16.53 -21.40
C GLU A 209 -1.05 -17.18 -20.60
N THR A 210 -0.51 -16.50 -19.58
CA THR A 210 0.47 -17.13 -18.70
C THR A 210 -0.15 -18.29 -17.95
N LEU A 211 -1.34 -18.06 -17.41
CA LEU A 211 -2.09 -19.10 -16.77
C LEU A 211 -2.35 -20.26 -17.73
N ARG A 212 -2.73 -19.94 -18.98
CA ARG A 212 -3.10 -20.98 -19.92
C ARG A 212 -1.89 -21.85 -20.24
N MET A 213 -0.71 -21.25 -20.32
CA MET A 213 0.47 -22.00 -20.75
C MET A 213 1.02 -22.87 -19.61
N ALA A 214 0.99 -22.34 -18.38
CA ALA A 214 1.57 -23.03 -17.23
C ALA A 214 0.61 -23.99 -16.56
N ALA A 215 -0.69 -23.72 -16.66
CA ALA A 215 -1.71 -24.42 -15.87
C ALA A 215 -2.97 -24.51 -16.73
N PRO A 216 -2.90 -25.29 -17.81
CA PRO A 216 -4.02 -25.30 -18.77
C PRO A 216 -5.32 -25.87 -18.21
N ARG A 217 -5.27 -26.86 -17.32
CA ARG A 217 -6.51 -27.38 -16.73
C ARG A 217 -7.12 -26.39 -15.74
N THR A 218 -6.28 -25.66 -15.03
CA THR A 218 -6.76 -24.63 -14.15
C THR A 218 -7.39 -23.49 -14.95
N TYR A 219 -6.74 -23.09 -16.03
CA TYR A 219 -7.33 -22.11 -16.94
C TYR A 219 -8.73 -22.53 -17.38
N THR A 220 -8.89 -23.77 -17.81
CA THR A 220 -10.21 -24.23 -18.26
C THR A 220 -11.22 -24.24 -17.12
N PHE A 221 -10.77 -24.62 -15.93
CA PHE A 221 -11.62 -24.58 -14.74
C PHE A 221 -12.15 -23.17 -14.47
N ILE A 222 -11.26 -22.16 -14.46
CA ILE A 222 -11.70 -20.80 -14.22
C ILE A 222 -12.63 -20.33 -15.33
N ARG A 223 -12.30 -20.69 -16.56
CA ARG A 223 -13.09 -20.23 -17.68
C ARG A 223 -14.56 -20.64 -17.56
N GLN A 224 -14.79 -21.85 -17.05
CA GLN A 224 -16.14 -22.41 -16.92
C GLN A 224 -16.67 -22.31 -15.49
N LEU A 225 -16.05 -21.45 -14.68
CA LEU A 225 -16.38 -21.38 -13.27
C LEU A 225 -17.86 -21.11 -13.04
N ALA A 226 -18.49 -20.26 -13.86
CA ALA A 226 -19.86 -19.87 -13.60
C ALA A 226 -20.81 -21.06 -13.58
N GLU A 227 -20.47 -22.16 -14.24
CA GLU A 227 -21.32 -23.35 -14.25
C GLU A 227 -21.10 -24.25 -13.04
N ARG A 228 -20.31 -23.80 -12.08
CA ARG A 228 -19.98 -24.60 -10.90
C ARG A 228 -20.61 -24.06 -9.62
N ALA A 229 -21.55 -23.13 -9.73
CA ALA A 229 -22.07 -22.51 -8.53
C ALA A 229 -23.13 -23.39 -7.87
N SER A 230 -23.47 -23.00 -6.64
CA SER A 230 -24.47 -23.73 -5.86
C SER A 230 -25.50 -22.75 -5.25
N GLY B 24 -5.22 21.43 4.45
CA GLY B 24 -4.59 20.81 5.60
C GLY B 24 -4.52 21.75 6.81
N VAL B 25 -4.23 21.20 7.98
CA VAL B 25 -4.13 21.97 9.21
C VAL B 25 -2.85 21.60 9.93
N LEU B 26 -2.13 22.61 10.41
CA LEU B 26 -0.93 22.33 11.19
C LEU B 26 -1.30 21.47 12.41
N LEU B 27 -0.44 20.49 12.70
CA LEU B 27 -0.72 19.52 13.76
C LEU B 27 -1.06 20.20 15.10
N GLU B 28 -0.31 21.26 15.46
CA GLU B 28 -0.54 21.91 16.75
C GLU B 28 -1.87 22.64 16.81
N GLU B 29 -2.48 22.94 15.65
CA GLU B 29 -3.79 23.57 15.58
C GLU B 29 -4.91 22.58 15.32
N SER B 30 -4.61 21.28 15.28
CA SER B 30 -5.55 20.29 14.74
C SER B 30 -6.48 19.71 15.79
N GLY B 31 -6.09 19.70 17.06
CA GLY B 31 -6.87 19.02 18.07
C GLY B 31 -6.52 17.56 18.29
N LEU B 32 -5.75 16.94 17.39
CA LEU B 32 -5.19 15.62 17.71
C LEU B 32 -4.43 15.71 19.02
N ASP B 33 -4.58 14.70 19.87
CA ASP B 33 -3.87 14.65 21.13
C ASP B 33 -2.51 14.01 20.88
N VAL B 34 -1.45 14.80 21.02
CA VAL B 34 -0.10 14.32 20.76
C VAL B 34 0.77 14.60 21.98
N GLN B 35 0.14 14.81 23.13
CA GLN B 35 0.88 15.26 24.30
C GLN B 35 1.90 14.24 24.81
N THR B 36 1.74 12.95 24.50
CA THR B 36 2.69 11.93 24.93
C THR B 36 3.67 11.53 23.83
N ILE B 37 3.69 12.25 22.71
CA ILE B 37 4.64 11.96 21.64
C ILE B 37 5.91 12.76 21.93
N PRO B 38 7.09 12.14 21.97
CA PRO B 38 8.33 12.92 22.13
C PRO B 38 8.44 14.03 21.08
N SER B 39 8.93 15.18 21.52
CA SER B 39 9.14 16.34 20.65
C SER B 39 7.84 16.81 19.98
N HIS B 40 6.69 16.60 20.63
CA HIS B 40 5.46 16.97 19.94
C HIS B 40 5.36 18.47 19.75
N ASP B 41 6.06 19.25 20.56
CA ASP B 41 6.06 20.70 20.40
C ASP B 41 6.72 21.10 19.08
N VAL B 42 7.75 20.37 18.67
CA VAL B 42 8.40 20.66 17.41
C VAL B 42 7.60 20.07 16.25
N LEU B 43 7.17 18.83 16.40
CA LEU B 43 6.43 18.19 15.32
C LEU B 43 5.10 18.87 15.08
N GLY B 44 4.54 19.52 16.10
CA GLY B 44 3.30 20.25 15.93
C GLY B 44 3.43 21.41 14.97
N ARG B 45 4.66 21.87 14.73
CA ARG B 45 4.97 22.98 13.83
C ARG B 45 5.49 22.51 12.48
N ILE B 46 5.73 21.22 12.31
CA ILE B 46 6.23 20.62 11.09
C ILE B 46 5.12 19.90 10.33
N VAL B 47 4.34 19.10 11.04
CA VAL B 47 3.40 18.17 10.44
C VAL B 47 2.10 18.90 10.14
N ILE B 48 1.58 18.67 8.93
CA ILE B 48 0.29 19.16 8.51
C ILE B 48 -0.60 17.94 8.30
N VAL B 49 -1.76 17.93 8.94
CA VAL B 49 -2.64 16.76 8.82
C VAL B 49 -3.87 17.14 8.02
N PRO B 50 -4.62 16.18 7.52
CA PRO B 50 -5.88 16.51 6.87
C PRO B 50 -6.81 17.18 7.87
N GLU B 51 -7.72 18.01 7.38
CA GLU B 51 -8.61 18.68 8.31
C GLU B 51 -9.59 17.70 8.95
N THR B 52 -9.97 16.64 8.24
CA THR B 52 -10.85 15.63 8.83
C THR B 52 -10.81 14.37 7.96
N ASP B 53 -11.50 13.33 8.44
CA ASP B 53 -11.69 12.08 7.69
C ASP B 53 -10.35 11.42 7.33
N PHE B 54 -9.54 11.17 8.36
CA PHE B 54 -8.30 10.43 8.17
C PHE B 54 -8.10 9.51 9.37
N SER B 55 -7.15 8.59 9.24
CA SER B 55 -6.92 7.61 10.30
C SER B 55 -6.06 8.22 11.40
N PHE B 56 -6.63 8.38 12.61
CA PHE B 56 -5.84 8.84 13.75
C PHE B 56 -4.73 7.85 14.08
N ASP B 57 -5.00 6.54 13.95
CA ASP B 57 -3.94 5.56 14.22
C ASP B 57 -2.80 5.69 13.23
N GLU B 58 -3.09 5.85 11.94
CA GLU B 58 -2.01 5.99 10.98
C GLU B 58 -1.24 7.28 11.20
N ALA B 59 -1.96 8.37 11.44
CA ALA B 59 -1.27 9.63 11.71
C ALA B 59 -0.40 9.51 12.94
N ASN B 60 -0.95 8.92 14.02
CA ASN B 60 -0.21 8.76 15.27
C ASN B 60 1.06 7.94 15.05
N GLU B 61 0.95 6.83 14.34
CA GLU B 61 2.11 5.97 14.10
C GLU B 61 3.17 6.68 13.26
N THR B 62 2.74 7.44 12.24
CA THR B 62 3.67 8.20 11.41
C THR B 62 4.38 9.26 12.23
N ILE B 63 3.63 10.00 13.03
CA ILE B 63 4.20 11.07 13.84
C ILE B 63 5.13 10.50 14.90
N ARG B 64 4.77 9.36 15.50
CA ARG B 64 5.65 8.74 16.48
C ARG B 64 6.93 8.20 15.82
N THR B 65 6.86 7.77 14.57
CA THR B 65 8.06 7.36 13.85
C THR B 65 8.99 8.53 13.64
N LEU B 66 8.43 9.67 13.18
CA LEU B 66 9.23 10.89 13.05
C LEU B 66 9.78 11.34 14.39
N ALA B 67 9.04 11.11 15.47
CA ALA B 67 9.47 11.51 16.81
C ALA B 67 10.64 10.68 17.32
N ARG B 68 11.03 9.62 16.60
CA ARG B 68 12.26 8.91 16.95
C ARG B 68 13.50 9.69 16.55
N ILE B 69 13.37 10.66 15.65
CA ILE B 69 14.49 11.49 15.24
C ILE B 69 14.91 12.41 16.39
N ASP B 70 16.22 12.56 16.56
CA ASP B 70 16.73 13.42 17.63
C ASP B 70 16.09 14.80 17.57
N ARG B 71 15.73 15.30 18.75
CA ARG B 71 15.07 16.59 18.85
C ARG B 71 15.85 17.68 18.11
N ARG B 72 17.18 17.70 18.26
CA ARG B 72 17.96 18.77 17.63
C ARG B 72 17.74 18.80 16.11
N ILE B 73 17.64 17.63 15.48
CA ILE B 73 17.41 17.58 14.04
C ILE B 73 16.01 18.08 13.71
N LEU B 74 15.00 17.67 14.49
CA LEU B 74 13.65 18.16 14.26
C LEU B 74 13.57 19.68 14.43
N GLU B 75 14.24 20.21 15.45
CA GLU B 75 14.23 21.66 15.66
C GLU B 75 14.85 22.38 14.47
N GLN B 76 15.96 21.84 13.94
CA GLN B 76 16.55 22.44 12.76
C GLN B 76 15.58 22.38 11.58
N ALA B 77 14.88 21.26 11.41
CA ALA B 77 13.92 21.17 10.31
C ALA B 77 12.89 22.30 10.42
N ALA B 78 12.33 22.51 11.63
CA ALA B 78 11.33 23.56 11.78
C ALA B 78 11.94 24.94 11.55
N ASN B 79 13.15 25.17 12.02
CA ASN B 79 13.78 26.48 11.82
C ASN B 79 14.10 26.75 10.36
N HIS B 80 14.24 25.71 9.54
CA HIS B 80 14.41 25.87 8.09
C HIS B 80 13.07 25.84 7.37
N HIS B 81 11.97 25.85 8.12
CA HIS B 81 10.62 25.90 7.56
C HIS B 81 10.34 24.71 6.63
N ILE B 82 10.74 23.50 7.08
CA ILE B 82 10.34 22.25 6.43
C ILE B 82 9.02 21.80 7.06
N TYR B 83 8.08 21.40 6.21
CA TYR B 83 6.80 20.87 6.62
C TYR B 83 6.60 19.48 6.03
N ILE B 84 5.87 18.63 6.74
CA ILE B 84 5.54 17.29 6.28
C ILE B 84 4.03 17.22 6.25
N GLN B 85 3.46 17.15 5.06
CA GLN B 85 2.02 17.10 4.89
C GLN B 85 1.58 15.66 4.70
N LEU B 86 0.72 15.20 5.61
CA LEU B 86 0.13 13.89 5.56
C LEU B 86 -1.16 13.96 4.75
N LEU B 87 -1.27 13.08 3.76
CA LEU B 87 -2.37 13.08 2.81
C LEU B 87 -3.15 11.78 2.91
N THR B 88 -4.43 11.83 2.55
CA THR B 88 -5.16 10.57 2.38
C THR B 88 -5.22 10.12 0.93
N ASN B 89 -5.12 11.03 0.02
CA ASN B 89 -5.31 10.99 -1.42
C ASN B 89 -3.97 10.83 -2.13
N PRO B 90 -3.97 10.40 -3.40
CA PRO B 90 -2.72 10.37 -4.15
C PRO B 90 -2.05 11.73 -4.19
N ILE B 91 -0.71 11.71 -4.25
CA ILE B 91 0.03 12.97 -4.22
C ILE B 91 -0.26 13.79 -5.45
N THR B 92 -0.57 13.15 -6.58
CA THR B 92 -0.91 13.87 -7.80
C THR B 92 -2.25 14.57 -7.75
N ASP B 93 -3.00 14.42 -6.66
CA ASP B 93 -4.15 15.31 -6.47
C ASP B 93 -3.72 16.67 -5.91
N GLU B 94 -2.52 16.78 -5.37
CA GLU B 94 -2.07 18.04 -4.78
C GLU B 94 -1.63 19.03 -5.87
N PRO B 95 -1.80 20.34 -5.62
CA PRO B 95 -1.41 21.32 -6.64
C PRO B 95 0.05 21.18 -7.08
N ILE B 96 0.96 21.05 -6.13
CA ILE B 96 2.40 21.00 -6.39
C ILE B 96 2.82 19.75 -7.16
N ALA B 97 1.89 18.83 -7.42
CA ALA B 97 2.22 17.57 -8.10
C ALA B 97 1.21 17.17 -9.17
N ARG B 98 0.22 18.01 -9.45
CA ARG B 98 -0.85 17.64 -10.38
C ARG B 98 -0.34 17.36 -11.80
N HIS B 99 0.73 18.02 -12.20
CA HIS B 99 1.22 17.89 -13.57
C HIS B 99 1.82 16.51 -13.85
N LEU B 100 2.00 15.69 -12.82
CA LEU B 100 2.67 14.41 -12.97
C LEU B 100 1.70 13.25 -13.16
N ARG B 101 0.39 13.50 -13.11
CA ARG B 101 -0.59 12.46 -13.35
C ARG B 101 -0.31 11.74 -14.66
N GLY B 102 -0.29 10.40 -14.60
CA GLY B 102 -0.11 9.57 -15.77
C GLY B 102 1.33 9.41 -16.24
N LYS B 103 2.28 10.09 -15.63
CA LYS B 103 3.66 10.08 -16.09
C LYS B 103 4.48 9.00 -15.37
N THR B 104 5.40 8.38 -16.09
CA THR B 104 6.32 7.41 -15.49
C THR B 104 7.41 8.11 -14.69
N PRO B 105 7.62 7.73 -13.43
CA PRO B 105 8.78 8.29 -12.70
C PRO B 105 10.08 7.78 -13.29
N ARG B 106 11.09 8.66 -13.32
CA ARG B 106 12.42 8.29 -13.76
C ARG B 106 12.91 7.02 -13.09
N GLY B 107 13.52 6.15 -13.88
CA GLY B 107 14.12 4.93 -13.37
C GLY B 107 13.24 3.71 -13.44
N TYR B 108 12.00 3.86 -13.87
CA TYR B 108 11.07 2.75 -14.04
C TYR B 108 10.77 2.55 -15.51
N VAL B 109 10.48 1.31 -15.88
CA VAL B 109 10.09 1.04 -17.26
C VAL B 109 8.74 1.71 -17.51
N PRO B 110 8.60 2.48 -18.59
CA PRO B 110 7.30 3.09 -18.87
C PRO B 110 6.20 2.05 -19.02
N GLY B 111 5.05 2.35 -18.41
CA GLY B 111 3.95 1.41 -18.32
C GLY B 111 3.95 0.54 -17.08
N SER B 112 5.04 0.52 -16.32
CA SER B 112 5.11 -0.28 -15.11
C SER B 112 4.71 0.50 -13.89
N LYS B 113 4.61 1.82 -13.99
CA LYS B 113 4.42 2.67 -12.82
C LYS B 113 4.09 4.09 -13.28
N THR B 114 3.27 4.77 -12.50
CA THR B 114 2.97 6.18 -12.72
C THR B 114 3.16 6.93 -11.42
N TRP B 115 3.32 8.26 -11.55
CA TRP B 115 3.47 9.10 -10.38
C TRP B 115 2.23 9.04 -9.48
N ASP B 116 1.08 8.68 -10.04
CA ASP B 116 -0.13 8.55 -9.21
C ASP B 116 0.06 7.47 -8.14
N GLU B 117 0.97 6.53 -8.38
CA GLU B 117 1.28 5.47 -7.44
C GLU B 117 2.36 5.85 -6.45
N VAL B 118 3.02 6.99 -6.62
CA VAL B 118 4.16 7.36 -5.78
C VAL B 118 3.60 8.00 -4.52
N PRO B 119 3.86 7.45 -3.34
CA PRO B 119 3.13 7.88 -2.14
C PRO B 119 3.82 8.97 -1.36
N GLY B 120 5.00 9.39 -1.76
CA GLY B 120 5.69 10.43 -1.02
C GLY B 120 6.69 11.13 -1.91
N ILE B 121 6.98 12.38 -1.56
CA ILE B 121 7.99 13.14 -2.27
C ILE B 121 8.73 13.92 -1.20
N GLY B 122 10.05 13.73 -1.12
CA GLY B 122 10.87 14.45 -0.20
C GLY B 122 11.97 15.19 -0.94
N GLY B 123 12.66 16.05 -0.21
CA GLY B 123 13.76 16.85 -0.75
C GLY B 123 13.52 18.35 -0.72
N ALA B 124 12.26 18.78 -0.79
CA ALA B 124 11.93 20.19 -0.79
C ALA B 124 11.44 20.62 0.60
N HIS B 125 11.04 21.87 0.71
CA HIS B 125 10.55 22.37 1.98
C HIS B 125 9.18 21.80 2.33
N LEU B 126 8.44 21.30 1.35
CA LEU B 126 7.19 20.60 1.59
C LEU B 126 7.40 19.13 1.24
N VAL B 127 7.33 18.28 2.24
CA VAL B 127 7.41 16.83 2.08
C VAL B 127 5.98 16.33 2.04
N LEU B 128 5.65 15.50 1.05
CA LEU B 128 4.31 14.90 0.97
C LEU B 128 4.39 13.43 1.31
N VAL B 129 3.49 12.97 2.19
CA VAL B 129 3.44 11.59 2.62
C VAL B 129 1.99 11.15 2.61
N ARG B 130 1.66 10.14 1.81
CA ARG B 130 0.31 9.58 1.83
C ARG B 130 0.23 8.57 2.98
N LEU B 131 -0.70 8.82 3.90
CA LEU B 131 -0.95 7.91 5.02
C LEU B 131 -1.30 6.52 4.52
N GLY B 132 -0.77 5.52 5.21
CA GLY B 132 -1.06 4.14 4.92
C GLY B 132 -0.07 3.49 3.99
N HIS B 133 0.96 4.20 3.55
CA HIS B 133 1.90 3.69 2.55
C HIS B 133 3.32 3.61 3.09
N SER B 134 3.48 3.49 4.41
CA SER B 134 4.82 3.56 5.00
CA SER B 134 4.82 3.56 4.99
C SER B 134 5.65 2.34 4.62
N GLU B 135 5.02 1.19 4.49
CA GLU B 135 5.68 -0.09 4.33
C GLU B 135 6.31 -0.26 2.95
N LYS B 136 7.48 -0.89 2.92
CA LYS B 136 8.15 -1.21 1.67
C LYS B 136 7.22 -1.91 0.70
N GLY B 137 7.23 -1.43 -0.55
CA GLY B 137 6.41 -1.99 -1.60
C GLY B 137 5.18 -1.17 -1.94
N LYS B 138 4.79 -0.24 -1.06
CA LYS B 138 3.52 0.48 -1.28
C LYS B 138 3.74 1.72 -2.15
N GLY B 139 4.22 1.46 -3.36
CA GLY B 139 4.56 2.51 -4.30
C GLY B 139 5.97 3.04 -4.17
N HIS B 140 6.76 2.45 -3.29
CA HIS B 140 8.14 2.86 -3.05
C HIS B 140 8.87 1.64 -2.53
N GLY B 141 10.20 1.75 -2.45
CA GLY B 141 11.00 0.63 -2.02
C GLY B 141 11.75 0.84 -0.73
N SER B 142 11.37 1.85 0.06
CA SER B 142 12.02 2.12 1.34
C SER B 142 11.46 1.25 2.46
N ILE B 143 12.29 1.01 3.48
CA ILE B 143 11.83 0.39 4.71
C ILE B 143 10.79 1.26 5.41
N ASN B 144 10.82 2.58 5.20
CA ASN B 144 9.87 3.47 5.86
C ASN B 144 9.75 4.77 5.07
N LEU B 145 8.59 4.96 4.45
CA LEU B 145 8.38 6.11 3.57
C LEU B 145 8.67 7.44 4.27
N GLU B 146 8.05 7.69 5.42
CA GLU B 146 8.11 9.04 5.97
C GLU B 146 9.52 9.40 6.42
N LEU B 147 10.26 8.45 7.00
CA LEU B 147 11.64 8.76 7.37
C LEU B 147 12.53 8.97 6.17
N HIS B 148 12.38 8.12 5.16
CA HIS B 148 13.19 8.25 3.94
C HIS B 148 12.90 9.58 3.25
N ALA B 149 11.62 9.92 3.05
CA ALA B 149 11.28 11.13 2.34
C ALA B 149 11.76 12.36 3.11
N PHE B 150 11.52 12.37 4.42
CA PHE B 150 11.98 13.49 5.23
C PHE B 150 13.50 13.60 5.20
N ALA B 151 14.19 12.46 5.21
CA ALA B 151 15.65 12.47 5.18
C ALA B 151 16.18 13.15 3.93
N HIS B 152 15.51 13.02 2.78
CA HIS B 152 15.92 13.82 1.63
C HIS B 152 15.90 15.31 1.93
N SER B 153 14.81 15.81 2.54
CA SER B 153 14.73 17.23 2.84
C SER B 153 15.77 17.64 3.87
N LEU B 154 16.05 16.78 4.84
CA LEU B 154 17.09 17.08 5.81
C LEU B 154 18.45 17.16 5.14
N ASP B 155 18.76 16.19 4.30
CA ASP B 155 20.02 16.17 3.55
C ASP B 155 20.23 17.48 2.81
N TYR B 156 19.25 17.87 1.99
CA TYR B 156 19.43 19.04 1.12
C TYR B 156 19.40 20.35 1.89
N ILE B 157 18.50 20.50 2.87
CA ILE B 157 18.22 21.80 3.46
C ILE B 157 18.98 22.00 4.77
N VAL B 158 18.90 21.00 5.66
CA VAL B 158 19.50 21.15 6.99
C VAL B 158 20.98 20.81 6.96
N PHE B 159 21.34 19.79 6.18
CA PHE B 159 22.71 19.29 6.16
C PHE B 159 23.47 19.66 4.88
N ASP B 160 22.91 20.56 4.06
CA ASP B 160 23.67 21.26 3.02
C ASP B 160 24.18 20.31 1.91
N HIS B 161 23.32 19.39 1.48
CA HIS B 161 23.67 18.38 0.48
C HIS B 161 24.83 17.54 0.97
N ILE B 162 24.67 17.01 2.18
CA ILE B 162 25.76 16.28 2.82
C ILE B 162 26.13 15.01 2.06
N HIS B 163 25.22 14.45 1.25
CA HIS B 163 25.58 13.29 0.44
C HIS B 163 26.67 13.60 -0.59
N GLU B 164 26.97 14.88 -0.86
CA GLU B 164 28.02 15.26 -1.79
C GLU B 164 29.38 15.42 -1.13
N THR B 165 29.45 15.35 0.20
CA THR B 165 30.73 15.57 0.84
C THR B 165 31.65 14.38 0.60
N ASP B 166 32.97 14.67 0.66
CA ASP B 166 33.94 13.62 0.43
C ASP B 166 33.77 12.49 1.43
N GLU B 167 33.51 12.86 2.68
CA GLU B 167 33.37 11.83 3.73
C GLU B 167 32.21 10.90 3.42
N PHE B 168 31.05 11.47 3.10
CA PHE B 168 29.90 10.62 2.84
C PHE B 168 30.09 9.82 1.56
N GLN B 169 30.65 10.42 0.53
CA GLN B 169 30.86 9.68 -0.71
C GLN B 169 31.77 8.48 -0.51
N ALA B 170 32.78 8.61 0.35
CA ALA B 170 33.65 7.47 0.64
C ALA B 170 32.90 6.36 1.39
N LEU B 171 32.03 6.73 2.35
CA LEU B 171 31.19 5.75 3.05
C LEU B 171 30.26 5.02 2.10
N TRP B 172 29.63 5.76 1.22
CA TRP B 172 28.74 5.17 0.23
C TRP B 172 29.50 4.17 -0.63
N ARG B 173 30.68 4.54 -1.12
CA ARG B 173 31.45 3.64 -1.98
C ARG B 173 31.86 2.38 -1.23
N GLU B 174 32.29 2.53 0.01
CA GLU B 174 32.84 1.37 0.70
C GLU B 174 31.75 0.47 1.25
N GLU B 175 30.62 1.01 1.69
CA GLU B 175 29.69 0.21 2.47
C GLU B 175 28.36 -0.04 1.81
N ALA B 176 27.93 0.77 0.85
CA ALA B 176 26.66 0.46 0.21
C ALA B 176 26.62 -0.95 -0.39
N PRO B 177 27.69 -1.47 -0.99
CA PRO B 177 27.60 -2.85 -1.51
C PRO B 177 27.39 -3.89 -0.43
N GLN B 178 27.72 -3.58 0.82
CA GLN B 178 27.47 -4.51 1.92
C GLN B 178 26.06 -4.41 2.49
N LEU B 179 25.44 -3.24 2.41
CA LEU B 179 24.14 -3.02 3.03
C LEU B 179 22.98 -3.19 2.05
N PHE B 180 23.15 -2.77 0.79
CA PHE B 180 22.05 -2.75 -0.19
C PHE B 180 22.46 -3.48 -1.47
N PRO B 181 23.04 -4.66 -1.36
CA PRO B 181 23.51 -5.37 -2.57
C PRO B 181 22.39 -5.65 -3.57
N ARG B 182 21.15 -5.78 -3.13
CA ARG B 182 20.06 -6.16 -4.04
C ARG B 182 19.04 -5.04 -4.23
N GLU B 183 19.39 -3.81 -3.91
CA GLU B 183 18.43 -2.71 -3.96
C GLU B 183 19.08 -1.58 -4.74
N TYR B 184 18.76 -1.53 -6.03
CA TYR B 184 19.52 -0.74 -6.99
C TYR B 184 19.58 0.74 -6.62
N PHE B 185 18.45 1.38 -6.29
CA PHE B 185 18.49 2.82 -6.08
C PHE B 185 19.30 3.19 -4.85
N PHE B 186 19.21 2.37 -3.78
CA PHE B 186 19.95 2.68 -2.55
C PHE B 186 21.43 2.39 -2.70
N LEU B 187 21.76 1.44 -3.58
CA LEU B 187 23.13 1.07 -3.86
C LEU B 187 23.84 2.11 -4.73
N THR B 188 23.14 2.72 -5.68
CA THR B 188 23.83 3.47 -6.73
C THR B 188 23.56 4.98 -6.73
N TYR B 189 22.79 5.51 -5.78
CA TYR B 189 22.53 6.94 -5.67
C TYR B 189 22.92 7.36 -4.26
N PRO B 190 23.87 8.26 -4.10
CA PRO B 190 24.29 8.64 -2.74
C PRO B 190 23.21 9.32 -1.93
N GLU B 191 22.31 10.06 -2.58
CA GLU B 191 21.22 10.66 -1.82
C GLU B 191 20.22 9.62 -1.36
N GLU B 192 20.03 8.54 -2.12
CA GLU B 192 19.16 7.46 -1.67
C GLU B 192 19.83 6.63 -0.60
N TYR B 193 21.15 6.43 -0.72
CA TYR B 193 21.90 5.75 0.32
C TYR B 193 21.81 6.52 1.63
N PHE B 194 21.91 7.84 1.58
CA PHE B 194 21.76 8.64 2.78
C PHE B 194 20.37 8.47 3.36
N ALA B 195 19.34 8.66 2.55
CA ALA B 195 17.98 8.66 3.07
C ALA B 195 17.60 7.29 3.63
N GLU B 196 18.00 6.20 2.95
CA GLU B 196 17.63 4.88 3.43
C GLU B 196 18.46 4.48 4.65
N SER B 197 19.74 4.89 4.71
CA SER B 197 20.53 4.62 5.92
C SER B 197 19.94 5.39 7.11
N PHE B 198 19.50 6.62 6.88
CA PHE B 198 18.82 7.41 7.90
C PHE B 198 17.57 6.68 8.40
N ALA B 199 16.78 6.14 7.47
CA ALA B 199 15.59 5.40 7.86
C ALA B 199 15.91 4.14 8.65
N TYR B 200 16.96 3.39 8.26
CA TYR B 200 17.37 2.23 9.03
C TYR B 200 17.76 2.62 10.46
N TYR B 201 18.49 3.72 10.61
CA TYR B 201 18.92 4.14 11.92
C TYR B 201 17.73 4.45 12.81
N TYR B 202 16.69 5.06 12.25
CA TYR B 202 15.63 5.62 13.07
C TYR B 202 14.35 4.81 13.13
N VAL B 203 14.11 3.84 12.26
CA VAL B 203 12.77 3.23 12.28
C VAL B 203 12.64 2.23 13.42
N SER B 204 13.69 1.47 13.77
CA SER B 204 13.59 0.48 14.84
C SER B 204 14.97 0.10 15.33
N GLU B 205 15.01 -0.53 16.50
CA GLU B 205 16.27 -1.08 17.01
C GLU B 205 16.81 -2.18 16.08
N LYS B 206 15.91 -2.97 15.48
CA LYS B 206 16.37 -4.06 14.62
C LYS B 206 17.04 -3.54 13.35
N THR B 207 16.47 -2.52 12.72
CA THR B 207 17.12 -2.02 11.51
C THR B 207 18.34 -1.19 11.85
N GLN B 208 18.37 -0.56 13.01
CA GLN B 208 19.57 0.15 13.42
C GLN B 208 20.73 -0.83 13.61
N GLU B 209 20.44 -2.02 14.14
CA GLU B 209 21.49 -3.02 14.31
C GLU B 209 21.96 -3.55 12.97
N THR B 210 21.05 -3.72 12.01
CA THR B 210 21.48 -4.13 10.67
C THR B 210 22.47 -3.12 10.09
N LEU B 211 22.16 -1.83 10.24
CA LEU B 211 23.05 -0.78 9.76
C LEU B 211 24.38 -0.81 10.49
N ARG B 212 24.34 -0.96 11.82
CA ARG B 212 25.55 -0.97 12.63
C ARG B 212 26.47 -2.11 12.21
N MET B 213 25.90 -3.28 11.93
CA MET B 213 26.75 -4.44 11.65
C MET B 213 27.23 -4.46 10.21
N ALA B 214 26.38 -4.08 9.27
CA ALA B 214 26.74 -4.14 7.86
C ALA B 214 27.48 -2.92 7.36
N ALA B 215 27.26 -1.77 7.97
CA ALA B 215 27.79 -0.50 7.46
C ALA B 215 28.19 0.35 8.65
N PRO B 216 29.22 -0.09 9.39
CA PRO B 216 29.54 0.58 10.66
C PRO B 216 29.98 2.03 10.51
N ARG B 217 30.67 2.38 9.43
CA ARG B 217 31.05 3.79 9.25
C ARG B 217 29.85 4.65 8.88
N THR B 218 28.90 4.07 8.14
CA THR B 218 27.68 4.77 7.80
C THR B 218 26.83 4.96 9.05
N TYR B 219 26.77 3.92 9.88
CA TYR B 219 26.09 4.03 11.15
C TYR B 219 26.66 5.18 11.97
N THR B 220 28.00 5.25 12.09
CA THR B 220 28.62 6.33 12.84
C THR B 220 28.25 7.68 12.27
N PHE B 221 28.25 7.78 10.94
CA PHE B 221 27.94 9.04 10.27
C PHE B 221 26.52 9.51 10.58
N ILE B 222 25.54 8.60 10.46
CA ILE B 222 24.16 8.96 10.79
C ILE B 222 24.05 9.34 12.26
N ARG B 223 24.70 8.57 13.13
CA ARG B 223 24.66 8.88 14.56
C ARG B 223 25.13 10.30 14.83
N GLN B 224 26.17 10.74 14.12
CA GLN B 224 26.77 12.04 14.35
C GLN B 224 25.95 13.20 13.78
N LEU B 225 24.91 12.93 13.00
CA LEU B 225 24.09 14.03 12.48
C LEU B 225 23.49 14.85 13.60
N ALA B 226 23.09 14.20 14.70
CA ALA B 226 22.44 14.93 15.77
C ALA B 226 23.42 15.82 16.49
N GLU B 227 24.72 15.53 16.40
CA GLU B 227 25.77 16.31 17.06
C GLU B 227 26.25 17.48 16.21
N ARG B 228 25.72 17.64 14.99
CA ARG B 228 25.85 18.81 14.13
C ARG B 228 25.81 18.38 12.66
N ALA B 229 26.70 17.47 12.27
CA ALA B 229 26.69 16.92 10.91
C ALA B 229 27.82 15.90 10.71
ZN ZN C . -5.78 -14.64 -0.38
N1 BCN D . -5.90 -14.96 1.86
C1 BCN D . -7.02 -14.11 2.14
C2 BCN D . -7.15 -12.78 1.32
O21 BCN D . -7.95 -11.90 1.78
O22 BCN D . -6.47 -12.66 0.27
C3 BCN D . -4.64 -14.55 2.45
C4 BCN D . -3.98 -13.46 1.62
O4 BCN D . -3.88 -13.82 0.27
C5 BCN D . -6.13 -16.40 2.01
C6 BCN D . -6.65 -16.82 3.37
O6 BCN D . -6.76 -18.23 3.48
H11 BCN D . -7.02 -13.87 3.08
H12 BCN D . -7.84 -14.61 1.99
H31 BCN D . -4.02 -15.30 2.52
H32 BCN D . -4.76 -14.21 3.34
H41 BCN D . -3.11 -13.29 2.01
H42 BCN D . -4.51 -12.66 1.73
HO4 BCN D . -3.30 -13.34 -0.11
H51 BCN D . -5.31 -16.87 1.83
H52 BCN D . -6.77 -16.68 1.33
H61 BCN D . -7.50 -16.39 3.51
H62 BCN D . -6.05 -16.46 4.04
HO6 BCN D . -5.98 -18.56 3.37
O1 PG4 E . -9.63 -11.95 9.30
C1 PG4 E . -10.98 -11.58 9.43
C2 PG4 E . -11.09 -10.11 9.78
O2 PG4 E . -12.43 -9.74 10.01
C3 PG4 E . -12.83 -8.55 9.35
C4 PG4 E . -13.38 -8.88 7.98
O3 PG4 E . -14.70 -8.40 7.87
C5 PG4 E . -15.64 -9.30 7.32
C6 PG4 E . -16.45 -9.98 8.41
O4 PG4 E . -16.37 -11.38 8.28
C7 PG4 E . -15.68 -12.02 9.32
C8 PG4 E . -14.98 -13.26 8.82
O5 PG4 E . -15.92 -14.23 8.43
HO1 PG4 E . -9.60 -12.76 9.05
H11 PG4 E . -11.43 -12.09 10.11
H12 PG4 E . -11.47 -11.73 8.60
H21 PG4 E . -10.71 -9.59 9.06
H22 PG4 E . -10.55 -9.94 10.56
H31 PG4 E . -12.07 -7.94 9.25
H32 PG4 E . -13.50 -8.08 9.86
H41 PG4 E . -13.32 -9.84 7.85
H42 PG4 E . -12.80 -8.47 7.31
H51 PG4 E . -15.19 -9.99 6.80
H52 PG4 E . -16.24 -8.84 6.72
H61 PG4 E . -17.36 -9.67 8.33
H62 PG4 E . -16.12 -9.68 9.27
H71 PG4 E . -16.29 -12.25 10.03
H72 PG4 E . -15.02 -11.41 9.71
H81 PG4 E . -14.40 -13.57 9.54
H82 PG4 E . -14.40 -12.99 8.09
HO5 PG4 E . -16.43 -13.88 7.84
C1 PEG F . -5.01 5.31 1.00
O1 PEG F . -4.35 4.28 0.32
C2 PEG F . -6.36 5.55 0.39
O2 PEG F . -6.70 6.90 0.54
C3 PEG F . -7.57 7.43 -0.46
C4 PEG F . -8.09 8.82 -0.20
O4 PEG F . -8.04 9.56 -1.42
H11 PEG F . -4.51 6.14 0.97
H12 PEG F . -5.13 5.09 1.93
HO1 PEG F . -3.67 4.07 0.76
H21 PEG F . -7.01 4.97 0.81
H22 PEG F . -6.34 5.29 -0.55
H31 PEG F . -8.33 6.84 -0.55
H32 PEG F . -7.10 7.43 -1.31
H41 PEG F . -7.55 9.22 0.50
H42 PEG F . -8.98 8.75 0.15
HO4 PEG F . -8.44 9.12 -2.02
ZN ZN G . 14.30 8.57 -2.11
N1 BCN H . 13.05 6.93 -3.25
C1 BCN H . 11.76 7.07 -2.58
C2 BCN H . 11.39 8.46 -1.99
O21 BCN H . 12.31 9.33 -1.81
O22 BCN H . 10.18 8.60 -1.72
C3 BCN H . 13.07 7.40 -4.62
C4 BCN H . 13.32 8.88 -4.84
O4 BCN H . 14.08 9.49 -3.83
C5 BCN H . 13.64 5.62 -3.04
C6 BCN H . 12.81 4.34 -2.84
O6 BCN H . 11.65 4.17 -3.63
H11 BCN H . 11.72 6.42 -1.87
H12 BCN H . 11.06 6.82 -3.20
H31 BCN H . 12.22 7.19 -5.05
H32 BCN H . 13.75 6.92 -5.13
H41 BCN H . 12.45 9.31 -4.92
H42 BCN H . 13.74 8.97 -5.70
HO4 BCN H . 14.12 10.33 -3.98
H51 BCN H . 14.23 5.69 -2.28
H52 BCN H . 14.22 5.44 -3.81
H61 BCN H . 12.58 4.33 -1.89
H62 BCN H . 13.42 3.61 -2.97
HO6 BCN H . 11.06 4.71 -3.34
C1 PEG I . 12.87 -1.49 -9.41
O1 PEG I . 11.48 -1.64 -9.27
C2 PEG I . 13.20 -0.64 -10.62
O2 PEG I . 14.59 -0.40 -10.68
C3 PEG I . 15.26 -1.15 -11.66
C4 PEG I . 16.75 -1.14 -11.41
O4 PEG I . 17.33 -2.39 -11.72
H11 PEG I . 13.30 -2.35 -9.51
H12 PEG I . 13.26 -1.08 -8.62
HO1 PEG I . 11.17 -1.94 -10.00
H21 PEG I . 12.70 0.19 -10.55
H22 PEG I . 12.88 -1.10 -11.40
H31 PEG I . 15.07 -0.80 -12.54
H32 PEG I . 14.94 -2.07 -11.66
H41 PEG I . 16.88 -0.89 -10.48
H42 PEG I . 17.12 -0.42 -11.95
HO4 PEG I . 17.09 -2.60 -12.50
C1 PEG J . 20.35 -2.32 -14.17
O1 PEG J . 19.96 -3.19 -15.21
C2 PEG J . 21.15 -1.17 -14.73
O2 PEG J . 22.37 -0.99 -14.04
C3 PEG J . 23.21 0.01 -14.57
C4 PEG J . 24.16 -0.56 -15.59
O4 PEG J . 25.40 0.11 -15.49
H11 PEG J . 20.90 -2.79 -13.52
H12 PEG J . 19.59 -1.97 -13.69
HO1 PEG J . 19.60 -3.88 -14.86
H21 PEG J . 20.60 -0.37 -14.69
H22 PEG J . 21.31 -1.34 -15.67
H31 PEG J . 23.72 0.43 -13.86
H32 PEG J . 22.68 0.70 -14.98
H41 PEG J . 23.76 -0.45 -16.46
H42 PEG J . 24.25 -1.51 -15.43
HO4 PEG J . 25.29 0.92 -15.75
#